data_4HXT
#
_entry.id   4HXT
#
_cell.length_a   95.493
_cell.length_b   31.941
_cell.length_c   72.543
_cell.angle_alpha   90.000
_cell.angle_beta   90.780
_cell.angle_gamma   90.000
#
_symmetry.space_group_name_H-M   'C 1 2 1'
#
loop_
_entity.id
_entity.type
_entity.pdbx_description
1 polymer 'De Novo Protein OR329'
2 water water
#
_entity_poly.entity_id   1
_entity_poly.type   'polypeptide(L)'
_entity_poly.pdbx_seq_one_letter_code
;(MSE)NDVEKLVKLLTSTDSETQKEAARDLAEIASGPASAIKAIVDAGGVEVLVKLLTSTDSEVQKEAARALANIASGPD
EAIKAIVDAGGVEVLVKLLTSTDSEVQKEAARALANIASGPDEAIKAIVDAGGVEVLVKLLTSTDSEVQKEAARALANIA
SGPDEAIKAIVDAGGVEVLVKLLTSTDSEVQKEAARALANIASGPTSAIKAIVDAGGVEVLQKLLTSTDSEVQKEAQRAL
ENIKSGGWLEHHHHHH
;
_entity_poly.pdbx_strand_id   A
#
# COMPACT_ATOMS: atom_id res chain seq x y z
N ASN A 2 18.49 -7.58 -24.75
CA ASN A 2 19.43 -7.55 -23.64
C ASN A 2 18.92 -8.55 -22.61
N ASP A 3 19.66 -8.73 -21.53
CA ASP A 3 19.29 -9.68 -20.48
C ASP A 3 17.90 -9.46 -19.87
N VAL A 4 17.54 -8.21 -19.62
CA VAL A 4 16.24 -7.92 -19.04
C VAL A 4 15.14 -8.24 -20.02
N GLU A 5 15.36 -7.90 -21.29
CA GLU A 5 14.37 -8.17 -22.32
C GLU A 5 14.13 -9.66 -22.47
N LYS A 6 15.16 -10.47 -22.25
CA LYS A 6 15.02 -11.92 -22.34
C LYS A 6 14.15 -12.43 -21.20
N LEU A 7 14.38 -11.93 -19.99
CA LEU A 7 13.58 -12.32 -18.84
C LEU A 7 12.11 -11.99 -19.07
N VAL A 8 11.85 -10.79 -19.57
CA VAL A 8 10.49 -10.33 -19.85
C VAL A 8 9.82 -11.23 -20.89
N LYS A 9 10.61 -11.82 -21.76
CA LYS A 9 10.06 -12.70 -22.78
C LYS A 9 9.64 -14.02 -22.14
N LEU A 10 10.45 -14.48 -21.18
CA LEU A 10 10.17 -15.73 -20.48
C LEU A 10 8.91 -15.65 -19.62
N LEU A 11 8.47 -14.43 -19.32
CA LEU A 11 7.28 -14.24 -18.52
C LEU A 11 6.08 -14.79 -19.26
N THR A 12 6.24 -14.82 -20.56
CA THR A 12 5.13 -15.32 -21.45
CA THR A 12 5.23 -15.27 -21.46
C THR A 12 5.21 -16.79 -21.72
N SER A 13 6.14 -17.51 -21.10
CA SER A 13 6.24 -18.96 -21.26
C SER A 13 4.94 -19.61 -20.82
N THR A 14 4.68 -20.80 -21.35
CA THR A 14 3.45 -21.52 -21.01
C THR A 14 3.68 -22.43 -19.81
N ASP A 15 4.93 -22.43 -19.34
CA ASP A 15 5.31 -23.24 -18.19
C ASP A 15 5.36 -22.35 -16.95
N SER A 16 4.50 -22.63 -15.98
CA SER A 16 4.47 -21.83 -14.75
C SER A 16 5.84 -21.73 -14.10
N GLU A 17 6.61 -22.81 -14.15
CA GLU A 17 7.95 -22.82 -13.57
C GLU A 17 8.82 -21.75 -14.19
N THR A 18 8.76 -21.65 -15.52
CA THR A 18 9.54 -20.66 -16.25
C THR A 18 9.04 -19.26 -15.90
N GLN A 19 7.72 -19.09 -15.89
CA GLN A 19 7.11 -17.80 -15.59
C GLN A 19 7.48 -17.29 -14.20
N LYS A 20 7.27 -18.13 -13.20
CA LYS A 20 7.56 -17.82 -11.80
C LYS A 20 9.00 -17.39 -11.62
N GLU A 21 9.89 -18.14 -12.24
CA GLU A 21 11.33 -17.95 -12.20
C GLU A 21 11.75 -16.64 -12.87
N ALA A 22 11.13 -16.32 -14.01
CA ALA A 22 11.43 -15.07 -14.71
C ALA A 22 10.97 -13.89 -13.86
N ALA A 23 9.76 -14.00 -13.32
CA ALA A 23 9.20 -12.95 -12.48
C ALA A 23 10.05 -12.79 -11.23
N ARG A 24 10.49 -13.93 -10.67
CA ARG A 24 11.31 -13.90 -9.47
C ARG A 24 12.64 -13.21 -9.76
N ASP A 25 13.24 -13.53 -10.89
CA ASP A 25 14.52 -12.92 -11.25
C ASP A 25 14.31 -11.42 -11.49
N LEU A 26 13.17 -11.05 -12.08
CA LEU A 26 12.89 -9.64 -12.32
C LEU A 26 12.67 -8.92 -11.00
N ALA A 27 12.05 -9.61 -10.04
CA ALA A 27 11.80 -9.02 -8.72
C ALA A 27 13.14 -8.72 -8.06
N GLU A 28 14.06 -9.68 -8.15
CA GLU A 28 15.39 -9.50 -7.57
C GLU A 28 16.12 -8.34 -8.24
N ILE A 29 16.03 -8.26 -9.56
CA ILE A 29 16.66 -7.18 -10.31
C ILE A 29 16.05 -5.85 -9.90
N ALA A 30 14.75 -5.85 -9.65
CA ALA A 30 14.03 -4.63 -9.26
C ALA A 30 14.43 -4.17 -7.87
N SER A 31 14.88 -5.09 -7.02
CA SER A 31 15.28 -4.75 -5.65
C SER A 31 16.63 -4.05 -5.64
N GLY A 32 17.16 -3.79 -6.84
CA GLY A 32 18.45 -3.13 -6.96
C GLY A 32 18.33 -1.63 -7.20
N PRO A 33 19.25 -1.04 -7.97
CA PRO A 33 19.27 0.39 -8.29
C PRO A 33 18.04 0.84 -9.05
N ALA A 34 17.90 2.16 -9.21
CA ALA A 34 16.77 2.72 -9.93
C ALA A 34 17.00 2.49 -11.41
N SER A 35 18.26 2.38 -11.80
CA SER A 35 18.64 2.14 -13.18
C SER A 35 18.19 0.75 -13.61
N ALA A 36 18.32 -0.21 -12.70
CA ALA A 36 17.92 -1.59 -12.97
C ALA A 36 16.40 -1.61 -13.18
N ILE A 37 15.69 -0.84 -12.36
CA ILE A 37 14.24 -0.76 -12.45
C ILE A 37 13.84 -0.13 -13.79
N LYS A 38 14.54 0.93 -14.18
CA LYS A 38 14.23 1.59 -15.44
C LYS A 38 14.45 0.65 -16.61
N ALA A 39 15.41 -0.26 -16.47
CA ALA A 39 15.69 -1.23 -17.53
C ALA A 39 14.47 -2.11 -17.74
N ILE A 40 13.87 -2.57 -16.66
CA ILE A 40 12.70 -3.42 -16.74
C ILE A 40 11.53 -2.66 -17.37
N VAL A 41 11.36 -1.41 -16.94
CA VAL A 41 10.28 -0.59 -17.47
C VAL A 41 10.43 -0.33 -18.97
N ASP A 42 11.64 0.02 -19.39
CA ASP A 42 11.88 0.29 -20.81
C ASP A 42 11.73 -0.98 -21.63
N ALA A 43 11.91 -2.13 -21.00
CA ALA A 43 11.79 -3.42 -21.69
C ALA A 43 10.33 -3.88 -21.78
N GLY A 44 9.41 -3.03 -21.30
CA GLY A 44 7.99 -3.37 -21.34
C GLY A 44 7.58 -4.38 -20.29
N GLY A 45 8.43 -4.58 -19.28
CA GLY A 45 8.15 -5.54 -18.24
C GLY A 45 6.91 -5.31 -17.39
N VAL A 46 6.59 -4.05 -17.11
CA VAL A 46 5.41 -3.72 -16.31
C VAL A 46 4.12 -4.25 -16.94
N GLU A 47 3.90 -3.92 -18.21
CA GLU A 47 2.71 -4.37 -18.92
C GLU A 47 2.58 -5.88 -18.83
N VAL A 48 3.67 -6.59 -19.10
CA VAL A 48 3.67 -8.04 -19.06
C VAL A 48 3.43 -8.57 -17.65
N LEU A 49 4.06 -7.94 -16.65
CA LEU A 49 3.88 -8.36 -15.26
C LEU A 49 2.44 -8.15 -14.81
N VAL A 50 1.83 -7.07 -15.29
CA VAL A 50 0.44 -6.76 -14.94
C VAL A 50 -0.47 -7.82 -15.54
N LYS A 51 -0.10 -8.34 -16.71
CA LYS A 51 -0.91 -9.38 -17.32
C LYS A 51 -0.76 -10.66 -16.50
N LEU A 52 0.45 -10.94 -16.02
CA LEU A 52 0.68 -12.14 -15.22
C LEU A 52 -0.10 -12.13 -13.91
N LEU A 53 -0.54 -10.94 -13.50
CA LEU A 53 -1.32 -10.83 -12.27
C LEU A 53 -2.66 -11.52 -12.43
N THR A 54 -3.09 -11.67 -13.68
CA THR A 54 -4.37 -12.31 -13.97
C THR A 54 -4.23 -13.82 -14.21
N SER A 55 -3.05 -14.36 -13.94
CA SER A 55 -2.80 -15.78 -14.10
C SER A 55 -3.71 -16.57 -13.16
N THR A 56 -4.05 -17.80 -13.55
CA THR A 56 -4.90 -18.64 -12.71
C THR A 56 -4.03 -19.32 -11.66
N ASP A 57 -2.72 -19.28 -11.86
CA ASP A 57 -1.79 -19.90 -10.93
C ASP A 57 -1.34 -18.89 -9.87
N SER A 58 -1.82 -19.06 -8.64
CA SER A 58 -1.47 -18.16 -7.55
C SER A 58 0.04 -17.97 -7.40
N GLU A 59 0.80 -19.00 -7.73
CA GLU A 59 2.25 -18.90 -7.62
C GLU A 59 2.78 -17.84 -8.59
N VAL A 60 2.20 -17.79 -9.78
CA VAL A 60 2.60 -16.82 -10.78
C VAL A 60 2.14 -15.43 -10.35
N GLN A 61 0.91 -15.34 -9.86
CA GLN A 61 0.37 -14.07 -9.40
C GLN A 61 1.24 -13.47 -8.31
N LYS A 62 1.57 -14.29 -7.31
CA LYS A 62 2.39 -13.84 -6.19
C LYS A 62 3.75 -13.31 -6.64
N GLU A 63 4.41 -14.02 -7.55
CA GLU A 63 5.73 -13.59 -8.03
C GLU A 63 5.64 -12.35 -8.90
N ALA A 64 4.58 -12.24 -9.70
CA ALA A 64 4.42 -11.07 -10.55
C ALA A 64 4.13 -9.85 -9.65
N ALA A 65 3.27 -10.05 -8.65
CA ALA A 65 2.94 -8.96 -7.74
C ALA A 65 4.19 -8.51 -6.97
N ARG A 66 5.01 -9.47 -6.59
CA ARG A 66 6.24 -9.19 -5.86
C ARG A 66 7.20 -8.35 -6.73
N ALA A 67 7.27 -8.67 -8.01
CA ALA A 67 8.13 -7.94 -8.92
C ALA A 67 7.63 -6.52 -9.09
N LEU A 68 6.31 -6.36 -9.20
CA LEU A 68 5.71 -5.04 -9.37
C LEU A 68 5.86 -4.20 -8.10
N ALA A 69 5.78 -4.84 -6.94
CA ALA A 69 5.92 -4.13 -5.68
C ALA A 69 7.34 -3.59 -5.57
N ASN A 70 8.31 -4.37 -6.04
CA ASN A 70 9.70 -3.95 -5.99
C ASN A 70 9.91 -2.80 -6.98
N ILE A 71 9.24 -2.91 -8.13
CA ILE A 71 9.32 -1.87 -9.16
C ILE A 71 8.70 -0.58 -8.63
N ALA A 72 7.55 -0.72 -7.96
CA ALA A 72 6.83 0.42 -7.42
C ALA A 72 7.60 1.16 -6.31
N SER A 73 8.67 0.55 -5.80
CA SER A 73 9.45 1.19 -4.76
C SER A 73 10.53 2.07 -5.41
N GLY A 74 10.50 2.15 -6.74
CA GLY A 74 11.48 2.94 -7.46
C GLY A 74 11.03 4.35 -7.78
N PRO A 75 11.58 4.96 -8.86
CA PRO A 75 11.25 6.31 -9.29
C PRO A 75 9.76 6.49 -9.61
N ASP A 76 9.30 7.73 -9.58
CA ASP A 76 7.90 8.01 -9.88
C ASP A 76 7.53 7.55 -11.28
N GLU A 77 8.52 7.53 -12.17
CA GLU A 77 8.27 7.09 -13.54
C GLU A 77 7.93 5.61 -13.56
N ALA A 78 8.54 4.85 -12.65
CA ALA A 78 8.27 3.42 -12.56
C ALA A 78 6.83 3.21 -12.08
N ILE A 79 6.42 3.97 -11.06
CA ILE A 79 5.06 3.88 -10.52
C ILE A 79 4.04 4.29 -11.56
N LYS A 80 4.36 5.31 -12.34
CA LYS A 80 3.47 5.78 -13.37
C LYS A 80 3.26 4.72 -14.43
N ALA A 81 4.30 3.95 -14.73
CA ALA A 81 4.23 2.90 -15.72
C ALA A 81 3.23 1.85 -15.25
N ILE A 82 3.22 1.57 -13.95
CA ILE A 82 2.31 0.59 -13.40
C ILE A 82 0.87 1.09 -13.51
N VAL A 83 0.65 2.35 -13.12
CA VAL A 83 -0.69 2.93 -13.16
C VAL A 83 -1.22 3.01 -14.59
N ASP A 84 -0.39 3.47 -15.52
CA ASP A 84 -0.81 3.58 -16.92
C ASP A 84 -1.05 2.25 -17.59
N ALA A 85 -0.56 1.17 -16.98
CA ALA A 85 -0.75 -0.16 -17.53
C ALA A 85 -1.98 -0.81 -16.87
N GLY A 86 -2.67 -0.03 -16.04
CA GLY A 86 -3.86 -0.53 -15.37
C GLY A 86 -3.56 -1.49 -14.23
N GLY A 87 -2.33 -1.46 -13.74
CA GLY A 87 -1.94 -2.35 -12.65
C GLY A 87 -2.63 -2.17 -11.32
N VAL A 88 -3.07 -0.95 -11.01
CA VAL A 88 -3.73 -0.68 -9.73
C VAL A 88 -5.07 -1.42 -9.57
N GLU A 89 -5.92 -1.33 -10.59
CA GLU A 89 -7.23 -1.98 -10.55
C GLU A 89 -7.05 -3.49 -10.33
N VAL A 90 -6.04 -4.07 -10.98
CA VAL A 90 -5.78 -5.50 -10.85
C VAL A 90 -5.23 -5.85 -9.47
N LEU A 91 -4.31 -5.03 -8.97
CA LEU A 91 -3.74 -5.28 -7.66
C LEU A 91 -4.82 -5.20 -6.60
N VAL A 92 -5.76 -4.28 -6.79
CA VAL A 92 -6.86 -4.12 -5.85
C VAL A 92 -7.67 -5.41 -5.81
N LYS A 93 -7.89 -6.01 -6.97
CA LYS A 93 -8.64 -7.26 -7.01
C LYS A 93 -7.89 -8.39 -6.30
N LEU A 94 -6.57 -8.42 -6.45
CA LEU A 94 -5.76 -9.46 -5.80
C LEU A 94 -5.72 -9.32 -4.28
N LEU A 95 -6.10 -8.15 -3.78
CA LEU A 95 -6.13 -7.94 -2.33
C LEU A 95 -7.07 -8.94 -1.67
N THR A 96 -8.08 -9.38 -2.41
CA THR A 96 -9.05 -10.33 -1.86
C THR A 96 -8.78 -11.79 -2.25
N SER A 97 -7.58 -12.05 -2.72
CA SER A 97 -7.19 -13.41 -3.07
C SER A 97 -7.27 -14.25 -1.81
N THR A 98 -7.62 -15.53 -1.95
CA THR A 98 -7.68 -16.41 -0.78
C THR A 98 -6.25 -16.83 -0.41
N ASP A 99 -5.32 -16.57 -1.32
CA ASP A 99 -3.91 -16.90 -1.10
C ASP A 99 -3.26 -15.71 -0.39
N SER A 100 -2.82 -15.94 0.85
CA SER A 100 -2.22 -14.91 1.69
C SER A 100 -0.98 -14.23 1.13
N GLU A 101 -0.16 -14.97 0.41
CA GLU A 101 1.05 -14.39 -0.17
C GLU A 101 0.67 -13.41 -1.29
N VAL A 102 -0.36 -13.75 -2.05
CA VAL A 102 -0.82 -12.89 -3.13
C VAL A 102 -1.37 -11.61 -2.49
N GLN A 103 -2.12 -11.76 -1.41
CA GLN A 103 -2.69 -10.63 -0.71
C GLN A 103 -1.60 -9.70 -0.21
N LYS A 104 -0.59 -10.30 0.42
CA LYS A 104 0.53 -9.57 0.98
C LYS A 104 1.31 -8.81 -0.09
N GLU A 105 1.65 -9.49 -1.18
CA GLU A 105 2.40 -8.84 -2.25
C GLU A 105 1.56 -7.74 -2.91
N ALA A 106 0.28 -8.01 -3.10
CA ALA A 106 -0.62 -7.04 -3.71
C ALA A 106 -0.70 -5.79 -2.83
N ALA A 107 -0.82 -6.01 -1.52
CA ALA A 107 -0.90 -4.89 -0.58
C ALA A 107 0.42 -4.13 -0.52
N ARG A 108 1.52 -4.86 -0.54
CA ARG A 108 2.83 -4.22 -0.49
C ARG A 108 3.04 -3.38 -1.75
N ALA A 109 2.58 -3.87 -2.89
CA ALA A 109 2.73 -3.12 -4.14
C ALA A 109 1.91 -1.83 -4.07
N LEU A 110 0.69 -1.94 -3.58
CA LEU A 110 -0.19 -0.78 -3.46
C LEU A 110 0.39 0.20 -2.45
N ALA A 111 0.97 -0.30 -1.38
CA ALA A 111 1.58 0.55 -0.38
C ALA A 111 2.73 1.35 -1.02
N ASN A 112 3.55 0.69 -1.82
CA ASN A 112 4.66 1.36 -2.49
C ASN A 112 4.16 2.35 -3.52
N ILE A 113 3.13 1.97 -4.26
CA ILE A 113 2.55 2.86 -5.25
C ILE A 113 2.06 4.11 -4.53
N ALA A 114 1.42 3.91 -3.38
CA ALA A 114 0.87 5.01 -2.58
C ALA A 114 1.92 5.95 -2.00
N SER A 115 3.19 5.56 -2.02
CA SER A 115 4.24 6.43 -1.51
C SER A 115 4.68 7.37 -2.63
N GLY A 116 4.04 7.24 -3.78
CA GLY A 116 4.38 8.07 -4.91
C GLY A 116 3.62 9.37 -5.00
N PRO A 117 3.57 10.00 -6.18
CA PRO A 117 2.87 11.27 -6.43
C PRO A 117 1.38 11.17 -6.09
N ASP A 118 0.74 12.33 -5.94
CA ASP A 118 -0.69 12.37 -5.63
C ASP A 118 -1.53 11.65 -6.69
N GLU A 119 -1.10 11.70 -7.95
CA GLU A 119 -1.84 11.04 -9.01
C GLU A 119 -1.83 9.53 -8.82
N ALA A 120 -0.76 8.99 -8.23
CA ALA A 120 -0.67 7.55 -7.99
C ALA A 120 -1.65 7.15 -6.90
N ILE A 121 -1.76 7.97 -5.87
CA ILE A 121 -2.67 7.69 -4.77
C ILE A 121 -4.12 7.78 -5.27
N LYS A 122 -4.39 8.77 -6.12
CA LYS A 122 -5.72 8.95 -6.67
C LYS A 122 -6.15 7.71 -7.44
N ALA A 123 -5.21 7.09 -8.16
CA ALA A 123 -5.51 5.89 -8.93
C ALA A 123 -6.03 4.80 -8.00
N ILE A 124 -5.39 4.66 -6.84
CA ILE A 124 -5.80 3.65 -5.86
C ILE A 124 -7.18 3.96 -5.30
N VAL A 125 -7.44 5.23 -5.01
CA VAL A 125 -8.73 5.64 -4.48
C VAL A 125 -9.84 5.38 -5.49
N ASP A 126 -9.62 5.81 -6.74
CA ASP A 126 -10.61 5.65 -7.81
C ASP A 126 -10.88 4.19 -8.11
N ALA A 127 -9.90 3.32 -7.83
CA ALA A 127 -10.05 1.90 -8.07
C ALA A 127 -10.78 1.25 -6.89
N GLY A 128 -11.17 2.07 -5.91
CA GLY A 128 -11.85 1.55 -4.74
C GLY A 128 -10.95 0.74 -3.83
N GLY A 129 -9.64 0.99 -3.90
CA GLY A 129 -8.71 0.25 -3.08
C GLY A 129 -8.76 0.56 -1.60
N VAL A 130 -9.20 1.77 -1.25
CA VAL A 130 -9.25 2.16 0.16
C VAL A 130 -10.20 1.28 0.98
N GLU A 131 -11.42 1.09 0.48
CA GLU A 131 -12.39 0.26 1.20
C GLU A 131 -11.88 -1.17 1.35
N VAL A 132 -11.24 -1.70 0.32
CA VAL A 132 -10.72 -3.06 0.40
C VAL A 132 -9.59 -3.12 1.43
N LEU A 133 -8.69 -2.16 1.37
CA LEU A 133 -7.56 -2.11 2.30
C LEU A 133 -8.05 -2.01 3.76
N VAL A 134 -9.12 -1.26 3.97
CA VAL A 134 -9.67 -1.11 5.30
C VAL A 134 -10.13 -2.47 5.80
N LYS A 135 -10.76 -3.23 4.90
CA LYS A 135 -11.21 -4.57 5.25
C LYS A 135 -10.03 -5.46 5.64
N LEU A 136 -8.92 -5.32 4.91
CA LEU A 136 -7.73 -6.12 5.22
C LEU A 136 -7.07 -5.76 6.54
N LEU A 137 -7.42 -4.61 7.11
CA LEU A 137 -6.84 -4.22 8.39
C LEU A 137 -7.22 -5.23 9.46
N THR A 138 -8.30 -5.97 9.23
CA THR A 138 -8.76 -6.98 10.18
C THR A 138 -8.48 -8.39 9.69
N SER A 139 -7.55 -8.52 8.76
CA SER A 139 -7.18 -9.83 8.23
C SER A 139 -6.62 -10.69 9.37
N THR A 140 -6.83 -12.00 9.30
CA THR A 140 -6.32 -12.90 10.33
C THR A 140 -4.83 -13.09 10.12
N ASP A 141 -4.33 -12.56 9.00
CA ASP A 141 -2.92 -12.66 8.65
C ASP A 141 -2.20 -11.38 9.04
N SER A 142 -1.31 -11.49 10.03
CA SER A 142 -0.55 -10.35 10.54
C SER A 142 0.17 -9.55 9.46
N GLU A 143 0.84 -10.25 8.55
CA GLU A 143 1.57 -9.58 7.46
C GLU A 143 0.64 -8.78 6.55
N VAL A 144 -0.54 -9.32 6.29
CA VAL A 144 -1.51 -8.63 5.44
C VAL A 144 -1.96 -7.37 6.17
N GLN A 145 -2.19 -7.48 7.47
CA GLN A 145 -2.60 -6.32 8.28
C GLN A 145 -1.55 -5.21 8.18
N LYS A 146 -0.29 -5.59 8.33
CA LYS A 146 0.81 -4.63 8.29
C LYS A 146 0.87 -3.88 6.96
N GLU A 147 0.84 -4.62 5.87
CA GLU A 147 0.91 -4.02 4.54
C GLU A 147 -0.31 -3.12 4.28
N ALA A 148 -1.48 -3.56 4.73
CA ALA A 148 -2.70 -2.77 4.55
C ALA A 148 -2.60 -1.47 5.33
N ALA A 149 -2.15 -1.55 6.58
CA ALA A 149 -2.00 -0.36 7.41
C ALA A 149 -0.96 0.58 6.82
N ARG A 150 0.15 0.01 6.32
CA ARG A 150 1.19 0.83 5.72
C ARG A 150 0.66 1.52 4.47
N ALA A 151 -0.13 0.79 3.67
CA ALA A 151 -0.69 1.37 2.46
C ALA A 151 -1.62 2.53 2.82
N LEU A 152 -2.47 2.31 3.81
CA LEU A 152 -3.40 3.35 4.24
C LEU A 152 -2.68 4.58 4.79
N ALA A 153 -1.58 4.34 5.51
CA ALA A 153 -0.81 5.45 6.06
C ALA A 153 -0.25 6.30 4.91
N ASN A 154 0.23 5.64 3.87
CA ASN A 154 0.78 6.36 2.72
C ASN A 154 -0.32 7.08 1.95
N ILE A 155 -1.45 6.40 1.79
CA ILE A 155 -2.58 7.01 1.09
C ILE A 155 -3.01 8.27 1.84
N ALA A 156 -3.00 8.20 3.18
CA ALA A 156 -3.41 9.33 4.01
C ALA A 156 -2.46 10.53 3.94
N SER A 157 -1.31 10.37 3.29
CA SER A 157 -0.38 11.48 3.17
C SER A 157 -0.65 12.24 1.87
N GLY A 158 -1.68 11.81 1.13
CA GLY A 158 -2.01 12.46 -0.12
C GLY A 158 -3.01 13.59 -0.04
N PRO A 159 -3.75 13.85 -1.12
CA PRO A 159 -4.75 14.92 -1.15
C PRO A 159 -5.95 14.69 -0.23
N ASP A 160 -6.74 15.73 -0.08
CA ASP A 160 -7.94 15.69 0.76
C ASP A 160 -8.84 14.51 0.41
N GLU A 161 -9.08 14.32 -0.89
CA GLU A 161 -9.94 13.24 -1.39
C GLU A 161 -9.54 11.86 -0.87
N ALA A 162 -8.23 11.63 -0.78
CA ALA A 162 -7.72 10.34 -0.31
C ALA A 162 -8.06 10.10 1.16
N ILE A 163 -7.89 11.12 1.99
CA ILE A 163 -8.21 11.00 3.42
C ILE A 163 -9.72 10.83 3.59
N LYS A 164 -10.49 11.57 2.82
CA LYS A 164 -11.95 11.49 2.88
C LYS A 164 -12.37 10.06 2.56
N ALA A 165 -11.68 9.43 1.61
CA ALA A 165 -11.99 8.05 1.21
C ALA A 165 -11.77 7.10 2.40
N ILE A 166 -10.72 7.33 3.16
CA ILE A 166 -10.42 6.48 4.31
C ILE A 166 -11.51 6.67 5.36
N VAL A 167 -11.90 7.92 5.57
CA VAL A 167 -12.93 8.23 6.55
C VAL A 167 -14.28 7.64 6.15
N ASP A 168 -14.66 7.82 4.88
CA ASP A 168 -15.95 7.30 4.40
C ASP A 168 -16.01 5.78 4.47
N ALA A 169 -14.85 5.14 4.33
CA ALA A 169 -14.79 3.68 4.38
C ALA A 169 -14.80 3.17 5.83
N GLY A 170 -14.82 4.08 6.79
CA GLY A 170 -14.82 3.68 8.19
C GLY A 170 -13.45 3.26 8.69
N GLY A 171 -12.41 3.61 7.93
CA GLY A 171 -11.07 3.24 8.33
C GLY A 171 -10.57 3.82 9.63
N VAL A 172 -11.02 5.03 9.98
CA VAL A 172 -10.55 5.67 11.22
C VAL A 172 -10.80 4.83 12.47
N GLU A 173 -12.03 4.33 12.61
CA GLU A 173 -12.40 3.50 13.75
C GLU A 173 -11.53 2.25 13.79
N VAL A 174 -11.32 1.65 12.64
CA VAL A 174 -10.52 0.43 12.54
C VAL A 174 -9.06 0.71 12.94
N LEU A 175 -8.50 1.79 12.40
CA LEU A 175 -7.12 2.15 12.71
C LEU A 175 -6.92 2.46 14.19
N VAL A 176 -7.93 3.06 14.82
CA VAL A 176 -7.84 3.37 16.24
C VAL A 176 -7.81 2.07 17.03
N LYS A 177 -8.55 1.07 16.55
CA LYS A 177 -8.56 -0.24 17.20
C LYS A 177 -7.18 -0.87 17.13
N LEU A 178 -6.50 -0.68 16.00
CA LEU A 178 -5.17 -1.23 15.80
C LEU A 178 -4.08 -0.52 16.60
N LEU A 179 -4.40 0.63 17.17
CA LEU A 179 -3.42 1.35 17.98
C LEU A 179 -3.01 0.54 19.20
N THR A 180 -3.85 -0.39 19.62
CA THR A 180 -3.54 -1.23 20.78
C THR A 180 -3.21 -2.66 20.36
N SER A 181 -2.81 -2.84 19.12
CA SER A 181 -2.44 -4.15 18.60
C SER A 181 -1.12 -4.57 19.24
N THR A 182 -0.96 -5.87 19.48
CA THR A 182 0.28 -6.37 20.07
C THR A 182 1.36 -6.48 19.00
N ASP A 183 0.95 -6.36 17.74
CA ASP A 183 1.90 -6.42 16.64
C ASP A 183 2.52 -5.04 16.50
N SER A 184 3.75 -4.90 16.98
CA SER A 184 4.46 -3.62 16.93
C SER A 184 4.36 -2.93 15.58
N GLU A 185 4.76 -3.62 14.52
CA GLU A 185 4.72 -3.05 13.18
C GLU A 185 3.34 -2.51 12.80
N VAL A 186 2.29 -3.26 13.16
CA VAL A 186 0.92 -2.85 12.86
C VAL A 186 0.57 -1.58 13.62
N GLN A 187 0.94 -1.54 14.89
CA GLN A 187 0.66 -0.39 15.73
C GLN A 187 1.36 0.86 15.20
N LYS A 188 2.61 0.72 14.80
CA LYS A 188 3.38 1.83 14.26
C LYS A 188 2.72 2.40 13.00
N GLU A 189 2.30 1.52 12.10
CA GLU A 189 1.64 1.96 10.87
C GLU A 189 0.28 2.59 11.14
N ALA A 190 -0.45 2.04 12.10
CA ALA A 190 -1.76 2.57 12.46
C ALA A 190 -1.60 3.98 13.03
N ALA A 191 -0.57 4.17 13.85
CA ALA A 191 -0.31 5.47 14.45
C ALA A 191 0.09 6.49 13.38
N ARG A 192 0.93 6.07 12.43
CA ARG A 192 1.35 6.98 11.36
C ARG A 192 0.15 7.33 10.49
N ALA A 193 -0.68 6.35 10.18
CA ALA A 193 -1.86 6.60 9.36
C ALA A 193 -2.77 7.65 10.00
N LEU A 194 -3.00 7.51 11.31
CA LEU A 194 -3.85 8.46 12.01
C LEU A 194 -3.24 9.85 12.07
N ALA A 195 -1.93 9.92 12.26
CA ALA A 195 -1.24 11.22 12.31
C ALA A 195 -1.42 11.90 10.97
N ASN A 196 -1.34 11.11 9.90
CA ASN A 196 -1.49 11.63 8.55
C ASN A 196 -2.93 12.05 8.28
N ILE A 197 -3.87 11.21 8.71
CA ILE A 197 -5.29 11.50 8.53
C ILE A 197 -5.60 12.79 9.29
N ALA A 198 -4.94 12.98 10.42
CA ALA A 198 -5.16 14.16 11.25
C ALA A 198 -4.63 15.47 10.65
N SER A 199 -3.86 15.38 9.57
CA SER A 199 -3.36 16.59 8.92
C SER A 199 -4.30 16.96 7.78
N GLY A 200 -5.41 16.23 7.69
CA GLY A 200 -6.37 16.48 6.64
C GLY A 200 -7.48 17.44 7.02
N PRO A 201 -8.68 17.26 6.44
CA PRO A 201 -9.83 18.12 6.71
C PRO A 201 -10.36 17.96 8.13
N THR A 202 -11.04 18.99 8.62
CA THR A 202 -11.60 18.97 9.95
C THR A 202 -12.56 17.78 10.11
N SER A 203 -13.19 17.36 9.02
CA SER A 203 -14.12 16.24 9.08
C SER A 203 -13.39 14.95 9.48
N ALA A 204 -12.12 14.86 9.11
CA ALA A 204 -11.33 13.68 9.44
C ALA A 204 -11.00 13.73 10.94
N ILE A 205 -10.76 14.92 11.45
CA ILE A 205 -10.45 15.09 12.88
C ILE A 205 -11.68 14.65 13.68
N LYS A 206 -12.84 15.07 13.21
CA LYS A 206 -14.10 14.71 13.86
C LYS A 206 -14.25 13.19 13.93
N ALA A 207 -13.90 12.50 12.86
CA ALA A 207 -13.99 11.03 12.83
C ALA A 207 -13.07 10.42 13.90
N ILE A 208 -11.86 10.97 13.99
CA ILE A 208 -10.89 10.50 14.98
C ILE A 208 -11.45 10.71 16.39
N VAL A 209 -12.01 11.89 16.63
CA VAL A 209 -12.58 12.20 17.93
C VAL A 209 -13.73 11.24 18.25
N ASP A 210 -14.62 10.99 17.28
CA ASP A 210 -15.75 10.10 17.46
C ASP A 210 -15.30 8.68 17.78
N ALA A 211 -14.22 8.24 17.15
CA ALA A 211 -13.71 6.91 17.38
C ALA A 211 -13.03 6.81 18.74
N GLY A 212 -12.95 7.93 19.46
CA GLY A 212 -12.31 7.93 20.77
C GLY A 212 -10.80 7.85 20.57
N GLY A 213 -10.35 8.33 19.42
CA GLY A 213 -8.94 8.28 19.10
C GLY A 213 -8.04 9.16 19.95
N VAL A 214 -8.56 10.30 20.40
CA VAL A 214 -7.76 11.20 21.23
C VAL A 214 -7.28 10.51 22.50
N GLU A 215 -8.20 9.81 23.17
CA GLU A 215 -7.86 9.11 24.40
C GLU A 215 -6.89 7.96 24.17
N VAL A 216 -6.99 7.29 23.03
CA VAL A 216 -6.10 6.17 22.75
C VAL A 216 -4.70 6.68 22.40
N LEU A 217 -4.64 7.77 21.63
CA LEU A 217 -3.36 8.36 21.26
C LEU A 217 -2.65 8.90 22.50
N GLN A 218 -3.43 9.46 23.42
CA GLN A 218 -2.89 10.00 24.66
C GLN A 218 -2.15 8.92 25.45
N LYS A 219 -2.72 7.72 25.51
CA LYS A 219 -2.09 6.64 26.24
C LYS A 219 -0.80 6.17 25.56
N LEU A 220 -0.74 6.28 24.24
CA LEU A 220 0.45 5.86 23.50
C LEU A 220 1.64 6.78 23.75
N LEU A 221 1.40 7.91 24.41
CA LEU A 221 2.49 8.83 24.73
C LEU A 221 3.46 8.12 25.68
N THR A 222 2.98 7.06 26.33
CA THR A 222 3.81 6.30 27.27
C THR A 222 4.40 5.05 26.62
N SER A 223 4.13 4.84 25.33
CA SER A 223 4.66 3.67 24.63
C SER A 223 6.18 3.61 24.73
N THR A 224 6.72 2.40 24.88
CA THR A 224 8.17 2.24 24.96
C THR A 224 8.77 2.28 23.56
N ASP A 225 7.91 2.28 22.55
CA ASP A 225 8.36 2.35 21.15
C ASP A 225 8.35 3.82 20.75
N SER A 226 9.54 4.40 20.59
CA SER A 226 9.68 5.81 20.23
C SER A 226 8.96 6.23 18.94
N GLU A 227 8.90 5.32 17.98
CA GLU A 227 8.22 5.63 16.71
C GLU A 227 6.73 5.81 16.96
N VAL A 228 6.16 4.95 17.80
CA VAL A 228 4.74 5.05 18.12
C VAL A 228 4.52 6.35 18.88
N GLN A 229 5.39 6.64 19.84
CA GLN A 229 5.27 7.87 20.60
C GLN A 229 5.33 9.06 19.67
N LYS A 230 6.33 9.07 18.80
CA LYS A 230 6.52 10.16 17.85
C LYS A 230 5.28 10.38 16.98
N GLU A 231 4.70 9.28 16.50
CA GLU A 231 3.50 9.42 15.66
C GLU A 231 2.31 9.87 16.51
N ALA A 232 2.19 9.35 17.72
CA ALA A 232 1.08 9.73 18.59
C ALA A 232 1.15 11.22 18.89
N GLN A 233 2.36 11.74 19.09
CA GLN A 233 2.52 13.17 19.38
C GLN A 233 2.15 14.02 18.18
N ARG A 234 2.57 13.59 17.00
CA ARG A 234 2.25 14.32 15.77
C ARG A 234 0.74 14.32 15.55
N ALA A 235 0.12 13.16 15.76
CA ALA A 235 -1.32 13.02 15.59
C ALA A 235 -2.06 13.94 16.55
N LEU A 236 -1.62 13.96 17.81
CA LEU A 236 -2.25 14.80 18.83
C LEU A 236 -2.14 16.28 18.48
N GLU A 237 -0.97 16.71 18.01
CA GLU A 237 -0.79 18.10 17.63
C GLU A 237 -1.67 18.47 16.43
N ASN A 238 -1.81 17.54 15.49
CA ASN A 238 -2.65 17.82 14.32
C ASN A 238 -4.10 17.95 14.78
N ILE A 239 -4.51 17.07 15.69
CA ILE A 239 -5.87 17.10 16.20
C ILE A 239 -6.13 18.44 16.89
N LYS A 240 -5.13 18.93 17.61
CA LYS A 240 -5.24 20.20 18.33
C LYS A 240 -5.48 21.36 17.36
N SER A 241 -4.90 21.28 16.16
CA SER A 241 -5.09 22.35 15.19
C SER A 241 -6.50 22.29 14.60
N GLY A 242 -7.14 21.14 14.71
CA GLY A 242 -8.50 20.99 14.21
C GLY A 242 -8.66 20.63 12.75
N GLY A 243 -7.56 20.45 12.04
CA GLY A 243 -7.64 20.11 10.63
C GLY A 243 -7.96 21.33 9.79
N TRP A 244 -8.10 21.14 8.47
CA TRP A 244 -8.41 22.24 7.58
C TRP A 244 -9.90 22.30 7.28
N LEU A 245 -10.51 23.47 7.44
CA LEU A 245 -11.94 23.63 7.18
C LEU A 245 -12.29 23.38 5.71
N GLU A 246 -13.44 22.73 5.47
CA GLU A 246 -13.91 22.38 4.13
C GLU A 246 -14.50 23.49 3.27
N HIS A 247 -14.51 24.73 3.75
CA HIS A 247 -15.06 25.87 3.00
C HIS A 247 -15.89 25.46 1.79
#